data_7D1A
#
_entry.id   7D1A
#
_cell.length_a   1.00
_cell.length_b   1.00
_cell.length_c   1.00
_cell.angle_alpha   90.00
_cell.angle_beta   90.00
_cell.angle_gamma   90.00
#
_symmetry.space_group_name_H-M   'P 1'
#
loop_
_entity.id
_entity.type
_entity.pdbx_description
1 polymer 'Group II intron-encoded protein LtrA'
2 polymer 'RNA (692-MER)'
3 polymer "RNA (5'-R(P*CP*AP*CP*AP*UP*CP*CP*AP*UP*AP*AP*C)-3')"
#
loop_
_entity_poly.entity_id
_entity_poly.type
_entity_poly.pdbx_seq_one_letter_code
_entity_poly.pdbx_strand_id
1 'polypeptide(L)'
;MKPTMAILERISKNSQENIDEVFTRLYRYLLRPDIYYVAYQNLYSNKGASTKGILDDTADGFSEEKIKKIIQSLKDGTYY
PQPVRRMYIAKKNSKKMRPLGIPTFTDKLIQEAVRIILESIYEPVFEDVSHGFRPQRSCHTALKTIKREFGGARWFVEGD
IKGCFDNIDHVTLIGLINLKIKDMKMSQLIYKFLKAGYLENWQYHKTYSGTPQGGILSPLLANIYLHELDKFVLQLKMKF
DRESPERITPEYRELHNEIKRISHRLKKLEGEEKAKVLLEYQEKRKRLPTLPCTSQTNKVLKYVRYADDFIISVKGSKED
CQWIKEQLKLFIHNKLKMELSEEKTLITHSSQPARFLGYDIRVRRSGTIKRSGKVKKRTLNGSVELLIPLQDKIRQFIFD
KKIAIQKKDSSWFPVHRKYLIRSTDLEIITIYNSELRGICNYYGLASNFNQLNYFAYLMEYSCLKTIASKHKGTLSKTIS
MFKDGSGSWGIPYEIKQGKQRRYFANFSECKSPYQFTDEISQAPVLYGYARNTLENRLKAKCCELCGTSDENTSYEIHHV
NKVKNLKGKEKWEMAMIAKQRKTLVVCFHCHRHVIHKHK
;
C
2 'polyribonucleotide'
;GUGCGCCCAGAUAGGGUGUUAAGUCAAGUAGUUUAAGGUACUACUCUGUAAGAUAACACAGAAAACAGCCAACCUAACCG
AAAAGCGAAAGCUGAUACGGGAACAGAGCACGGUUGGAAAGCGAUGAGUUACCUAAAGACAAUCGGGUACGACUGAGUCG
CAAUGUUAAUCAGAUAUAAGGUAUAAGUUGUGUUUACUGAACGCAAGUUUCUAAUUUCGGUUAUGUGUCGAUAGAGGAAA
GUGUCUGAAACCUCUAGUACAAAGAAAGGUAAGUUAUGGUUGUGGACUUAUCUGUUAUCACCACAUUUGUACAAUCUGUA
GGAGAACCUAUGGGAACGAAACGAAAGCGAUGCCGAGAAUCUGAAUUUACCAAGACUUAACACUAACUGGGGAUACCCUA
AACAAGAAUGCCUAAUAGAAAGGAGGAAAAAGGCUAUAGCACUAGAGCUUGAAAAUCUUGCAAGGGUACGGAGUACUCGU
AGUAGUCUGAGAAGGGUAACGCCCUUUACAUGGCAAAGGGGUACAGUUAUUGUGUACUAAAAUUAAAAAUUGAUUAGGGA
GGAAAACCUCAAAAUGAAACCAACAAUGGCAAUUUUAGAAAGAAUCAGUAAAAAUUCACAAGAAAAUAUAGACGAAGUUU
UUACAAGACUUUAUCGUUAUCUUUUACGUCCAGAUAUUUAUUACGUGGCGACGCGUUGGGAAAUGGCAAUGAUAGCGAAA
CAACGUAAAACUCUUGUUGUAUGCUUUCAUUGUCAUCGUCACGUGAUUCAUAAACACAAGUGAAUUUUUACGAACGAACA
AUAACAGAGCCGUAUACUCCGAGAGGGGUACGUACGGUUCCCGAAGAGGGUGGUGCAAACCAGUCACAGUAAUGUGAACA
AGGCGGUACCUCCCUACUUCAC
;
A
3 'polyribonucleotide' ACACAUCCAUAAC B
#
loop_
_chem_comp.id
_chem_comp.type
_chem_comp.name
_chem_comp.formula
A RNA linking ADENOSINE-5'-MONOPHOSPHATE 'C10 H14 N5 O7 P'
C RNA linking CYTIDINE-5'-MONOPHOSPHATE 'C9 H14 N3 O8 P'
G RNA linking GUANOSINE-5'-MONOPHOSPHATE 'C10 H14 N5 O8 P'
U RNA linking URIDINE-5'-MONOPHOSPHATE 'C9 H13 N2 O9 P'
#
# COMPACT_ATOMS: atom_id res chain seq x y z
N THR A 4 28.69 6.28 -13.44
CA THR A 4 27.51 5.43 -13.43
C THR A 4 27.38 4.76 -12.06
N MET A 5 26.43 3.83 -11.93
CA MET A 5 26.32 3.05 -10.71
C MET A 5 27.26 1.86 -10.69
N ALA A 6 28.28 1.87 -11.56
CA ALA A 6 29.27 0.80 -11.59
C ALA A 6 29.88 0.58 -10.22
N ILE A 7 29.99 1.63 -9.41
CA ILE A 7 30.42 1.46 -8.02
C ILE A 7 29.51 0.47 -7.33
N LEU A 8 28.21 0.79 -7.27
CA LEU A 8 27.26 -0.07 -6.59
C LEU A 8 27.23 -1.46 -7.20
N GLU A 9 27.49 -1.55 -8.50
CA GLU A 9 27.68 -2.86 -9.13
C GLU A 9 28.79 -3.62 -8.43
N ARG A 10 30.01 -3.07 -8.46
CA ARG A 10 31.15 -3.68 -7.79
C ARG A 10 30.91 -3.84 -6.29
N ILE A 11 29.90 -3.19 -5.75
CA ILE A 11 29.66 -3.19 -4.31
C ILE A 11 28.79 -4.37 -3.94
N SER A 12 27.58 -4.42 -4.49
CA SER A 12 26.66 -5.49 -4.13
C SER A 12 26.99 -6.80 -4.83
N LYS A 13 27.45 -6.73 -6.08
CA LYS A 13 27.88 -7.93 -6.78
C LYS A 13 29.02 -8.61 -6.02
N ASN A 14 30.14 -7.92 -5.87
CA ASN A 14 31.33 -8.50 -5.27
C ASN A 14 31.08 -8.93 -3.82
N SER A 15 30.77 -7.98 -2.95
CA SER A 15 30.32 -8.24 -1.58
C SER A 15 31.19 -9.27 -0.85
N GLN A 16 32.52 -9.09 -0.98
CA GLN A 16 33.53 -9.85 -0.23
C GLN A 16 33.15 -11.33 -0.10
N GLU A 17 32.87 -11.94 -1.25
CA GLU A 17 32.40 -13.33 -1.27
C GLU A 17 33.61 -14.27 -1.22
N ASN A 18 34.25 -14.29 -0.06
CA ASN A 18 35.19 -15.35 0.29
C ASN A 18 34.64 -16.29 1.35
N ILE A 19 33.72 -15.81 2.19
CA ILE A 19 32.89 -16.64 3.05
C ILE A 19 31.46 -16.20 2.77
N ASP A 20 30.50 -16.76 3.53
CA ASP A 20 29.08 -16.49 3.29
C ASP A 20 28.79 -15.00 3.17
N GLU A 21 27.74 -14.68 2.39
CA GLU A 21 27.58 -13.35 1.83
C GLU A 21 26.12 -12.92 1.69
N VAL A 22 25.87 -11.99 0.77
CA VAL A 22 24.57 -11.40 0.48
C VAL A 22 23.48 -12.48 0.46
N PHE A 23 22.26 -12.10 0.83
CA PHE A 23 21.29 -12.95 1.54
C PHE A 23 21.36 -14.44 1.20
N THR A 24 21.30 -14.79 -0.08
CA THR A 24 21.08 -16.18 -0.45
C THR A 24 22.37 -16.98 -0.32
N ARG A 25 22.23 -18.25 0.03
CA ARG A 25 23.37 -19.10 0.33
C ARG A 25 23.45 -20.34 -0.53
N LEU A 26 22.36 -20.73 -1.20
CA LEU A 26 22.39 -21.90 -2.07
C LEU A 26 21.62 -21.65 -3.36
N TYR A 27 20.88 -20.55 -3.41
CA TYR A 27 19.82 -20.40 -4.38
C TYR A 27 19.99 -19.15 -5.24
N ARG A 28 20.97 -18.32 -4.92
CA ARG A 28 21.35 -17.26 -5.85
C ARG A 28 22.86 -17.34 -6.01
N TYR A 29 23.32 -18.30 -6.82
CA TYR A 29 24.67 -18.28 -7.35
C TYR A 29 24.64 -18.12 -8.86
N LEU A 30 24.02 -19.06 -9.55
CA LEU A 30 23.77 -18.97 -10.97
C LEU A 30 22.52 -18.16 -11.24
N LEU A 31 21.89 -17.65 -10.19
CA LEU A 31 20.81 -16.69 -10.25
C LEU A 31 21.24 -15.33 -9.72
N ARG A 32 22.49 -15.18 -9.28
CA ARG A 32 22.98 -13.95 -8.65
C ARG A 32 23.23 -12.84 -9.67
N PRO A 33 24.07 -13.04 -10.70
CA PRO A 33 24.27 -11.96 -11.67
C PRO A 33 23.05 -11.72 -12.54
N ASP A 34 21.97 -12.46 -12.30
CA ASP A 34 20.68 -12.17 -12.92
C ASP A 34 20.37 -10.69 -12.90
N ILE A 35 20.46 -10.09 -11.71
CA ILE A 35 20.37 -8.63 -11.62
C ILE A 35 21.44 -8.01 -12.50
N TYR A 36 22.70 -8.37 -12.22
CA TYR A 36 23.84 -7.60 -12.69
C TYR A 36 23.79 -7.36 -14.20
N TYR A 37 23.62 -8.44 -14.96
CA TYR A 37 23.66 -8.34 -16.42
C TYR A 37 22.71 -7.26 -16.93
N VAL A 38 21.55 -7.14 -16.28
CA VAL A 38 20.49 -6.29 -16.80
C VAL A 38 20.42 -4.93 -16.10
N ALA A 39 20.78 -4.85 -14.82
CA ALA A 39 21.09 -3.57 -14.21
C ALA A 39 22.11 -2.84 -15.07
N TYR A 40 23.11 -3.56 -15.57
CA TYR A 40 24.01 -2.99 -16.58
C TYR A 40 23.23 -2.46 -17.77
N GLN A 41 22.14 -3.11 -18.14
CA GLN A 41 21.37 -2.70 -19.30
C GLN A 41 20.11 -1.93 -18.96
N ASN A 42 19.61 -2.02 -17.73
CA ASN A 42 18.39 -1.33 -17.34
C ASN A 42 18.61 -0.34 -16.22
N LEU A 43 19.20 -0.78 -15.11
CA LEU A 43 19.50 0.16 -14.03
C LEU A 43 20.74 0.98 -14.35
N TYR A 44 21.46 0.61 -15.40
CA TYR A 44 22.42 1.48 -16.06
C TYR A 44 21.88 1.66 -17.46
N SER A 45 20.58 1.98 -17.54
CA SER A 45 19.85 2.05 -18.81
C SER A 45 20.69 2.72 -19.88
N ASN A 46 21.02 3.99 -19.68
CA ASN A 46 21.94 4.70 -20.55
C ASN A 46 22.48 5.92 -19.80
N LYS A 47 23.52 6.55 -20.35
CA LYS A 47 24.00 7.80 -19.79
C LYS A 47 23.47 8.99 -20.59
N GLY A 48 22.15 9.14 -20.55
CA GLY A 48 21.52 10.43 -20.68
C GLY A 48 20.01 10.32 -20.56
N ALA A 49 19.43 11.05 -19.60
CA ALA A 49 17.99 11.22 -19.44
C ALA A 49 17.21 9.91 -19.54
N SER A 50 17.86 8.77 -19.35
CA SER A 50 17.36 7.53 -19.93
C SER A 50 16.46 6.75 -18.98
N THR A 51 17.00 6.35 -17.83
CA THR A 51 16.44 5.25 -17.06
C THR A 51 14.92 5.35 -16.92
N LYS A 52 14.46 6.38 -16.24
CA LYS A 52 13.03 6.61 -16.11
C LYS A 52 12.90 8.01 -15.49
N GLY A 53 11.68 8.38 -15.10
CA GLY A 53 11.47 9.59 -14.34
C GLY A 53 10.04 9.86 -13.98
N ILE A 54 9.60 11.11 -14.18
CA ILE A 54 8.37 11.60 -13.56
C ILE A 54 7.42 12.25 -14.56
N LEU A 55 7.76 12.32 -15.83
CA LEU A 55 6.74 12.63 -16.84
C LEU A 55 6.21 11.36 -17.49
N ASP A 56 5.85 10.41 -16.62
CA ASP A 56 5.25 9.11 -16.95
C ASP A 56 6.23 8.18 -17.64
N ASP A 57 7.34 8.72 -18.16
CA ASP A 57 8.55 7.92 -18.35
C ASP A 57 9.74 8.60 -17.70
N THR A 58 9.97 9.87 -18.00
CA THR A 58 11.13 10.60 -17.50
C THR A 58 10.93 12.07 -17.80
N ALA A 59 11.69 12.92 -17.12
CA ALA A 59 11.63 14.36 -17.30
C ALA A 59 12.43 14.76 -18.54
N ASP A 60 12.70 16.06 -18.67
CA ASP A 60 13.37 16.61 -19.85
C ASP A 60 14.62 15.81 -20.21
N GLY A 61 14.90 15.76 -21.51
CA GLY A 61 15.99 14.92 -21.99
C GLY A 61 17.34 15.61 -21.98
N PHE A 62 18.12 15.33 -20.93
CA PHE A 62 19.45 15.88 -20.78
C PHE A 62 20.49 14.83 -21.18
N SER A 63 21.76 15.12 -20.92
CA SER A 63 22.85 14.45 -21.64
C SER A 63 23.48 13.27 -20.92
N GLU A 64 23.61 13.29 -19.58
CA GLU A 64 24.24 12.16 -18.88
C GLU A 64 23.27 11.42 -17.98
N GLU A 65 22.72 12.08 -17.02
CA GLU A 65 21.28 12.09 -16.88
C GLU A 65 20.83 13.53 -16.78
N LYS A 66 21.64 14.38 -16.14
CA LYS A 66 22.03 15.64 -16.75
C LYS A 66 23.53 15.66 -16.99
N ILE A 67 24.35 15.59 -15.94
CA ILE A 67 25.81 15.53 -16.09
C ILE A 67 26.46 14.58 -15.08
N LYS A 68 25.68 14.01 -14.17
CA LYS A 68 26.24 13.56 -12.90
C LYS A 68 26.85 12.16 -12.93
N LYS A 69 26.02 11.16 -13.23
CA LYS A 69 26.27 9.80 -12.76
C LYS A 69 27.60 9.22 -13.25
N ILE A 70 28.03 9.59 -14.47
CA ILE A 70 29.28 9.05 -15.02
C ILE A 70 30.43 9.27 -14.05
N ILE A 71 30.66 10.54 -13.69
CA ILE A 71 31.72 10.86 -12.75
C ILE A 71 31.23 10.87 -11.31
N GLN A 72 29.94 10.66 -11.09
CA GLN A 72 29.40 10.64 -9.74
C GLN A 72 30.10 9.61 -8.87
N SER A 73 30.81 8.67 -9.48
CA SER A 73 31.82 7.91 -8.78
C SER A 73 32.64 8.87 -7.92
N LEU A 74 32.91 10.06 -8.46
CA LEU A 74 33.58 11.12 -7.73
C LEU A 74 32.60 11.98 -6.95
N LYS A 75 31.42 11.45 -6.63
CA LYS A 75 30.48 12.02 -5.65
C LYS A 75 30.28 13.52 -5.87
N ASP A 76 29.65 13.81 -7.00
CA ASP A 76 29.31 15.18 -7.38
C ASP A 76 28.54 15.87 -6.25
N GLY A 77 27.38 15.33 -5.91
CA GLY A 77 26.67 15.71 -4.70
C GLY A 77 27.12 14.84 -3.54
N THR A 78 28.33 15.11 -3.04
CA THR A 78 28.99 14.24 -2.06
C THR A 78 28.14 14.05 -0.81
N TYR A 79 27.93 15.14 -0.06
CA TYR A 79 27.00 15.09 1.06
C TYR A 79 25.56 15.04 0.56
N TYR A 80 25.27 15.81 -0.49
CA TYR A 80 23.93 15.97 -1.05
C TYR A 80 22.96 16.25 0.10
N PRO A 81 23.04 17.43 0.70
CA PRO A 81 22.30 17.66 1.95
C PRO A 81 20.80 17.39 1.83
N GLN A 82 20.19 17.75 0.71
CA GLN A 82 18.80 17.42 0.45
C GLN A 82 17.89 17.86 1.59
N PRO A 83 17.56 19.15 1.67
CA PRO A 83 16.66 19.63 2.74
C PRO A 83 15.40 18.78 2.85
N VAL A 84 14.88 18.66 4.07
CA VAL A 84 13.90 17.64 4.40
C VAL A 84 12.81 18.20 5.31
N ARG A 85 11.56 17.84 5.01
CA ARG A 85 10.43 18.03 5.90
C ARG A 85 9.61 16.74 5.87
N ARG A 86 8.38 16.78 6.39
CA ARG A 86 7.53 15.61 6.49
C ARG A 86 6.39 15.68 5.48
N MET A 87 5.84 14.51 5.13
CA MET A 87 4.66 14.44 4.29
C MET A 87 4.11 13.02 4.25
N TYR A 88 2.78 12.93 4.19
CA TYR A 88 2.04 11.69 3.98
C TYR A 88 0.59 12.04 3.66
N ILE A 89 0.02 11.44 2.63
CA ILE A 89 -1.30 11.82 2.12
C ILE A 89 -2.27 10.67 2.33
N ALA A 90 -3.48 10.98 2.77
CA ALA A 90 -4.48 9.98 3.09
C ALA A 90 -4.96 9.33 1.80
N LYS A 91 -4.35 8.19 1.44
CA LYS A 91 -4.72 7.49 0.22
C LYS A 91 -6.22 7.29 0.18
N LYS A 92 -6.82 7.61 -0.97
CA LYS A 92 -8.25 7.89 -1.07
C LYS A 92 -9.12 6.80 -0.44
N ASN A 93 -8.57 5.60 -0.25
CA ASN A 93 -9.14 4.56 0.58
C ASN A 93 -8.02 3.65 1.05
N SER A 94 -8.30 2.89 2.10
CA SER A 94 -7.42 1.84 2.66
C SER A 94 -5.96 2.28 2.66
N LYS A 95 -5.72 3.43 3.25
CA LYS A 95 -4.44 4.11 3.08
C LYS A 95 -3.35 3.44 3.91
N LYS A 96 -2.31 2.99 3.23
CA LYS A 96 -1.01 2.78 3.85
C LYS A 96 -0.11 3.96 3.52
N MET A 97 -0.59 5.16 3.86
CA MET A 97 -0.32 6.41 3.16
C MET A 97 1.10 6.49 2.62
N ARG A 98 1.25 6.87 1.34
CA ARG A 98 2.50 6.64 0.63
C ARG A 98 3.36 7.89 0.59
N PRO A 99 4.69 7.73 0.74
CA PRO A 99 5.58 8.89 0.83
C PRO A 99 6.25 9.31 -0.48
N LEU A 100 6.32 10.62 -0.68
CA LEU A 100 7.04 11.25 -1.79
C LEU A 100 8.15 12.14 -1.23
N GLY A 101 8.98 12.67 -2.12
CA GLY A 101 10.12 13.46 -1.70
C GLY A 101 10.19 14.85 -2.33
N ILE A 102 10.43 15.86 -1.50
CA ILE A 102 10.46 17.27 -1.91
C ILE A 102 11.19 17.40 -3.23
N PRO A 103 10.70 18.23 -4.16
CA PRO A 103 11.17 18.14 -5.55
C PRO A 103 12.59 18.65 -5.74
N THR A 104 13.51 17.72 -5.90
CA THR A 104 14.86 17.97 -6.33
C THR A 104 15.21 16.91 -7.35
N PHE A 105 15.58 17.32 -8.56
CA PHE A 105 15.74 16.34 -9.62
C PHE A 105 16.94 15.43 -9.43
N THR A 106 17.61 15.55 -8.29
CA THR A 106 18.22 14.38 -7.68
C THR A 106 17.20 13.28 -7.50
N ASP A 107 15.91 13.61 -7.61
CA ASP A 107 14.86 12.63 -7.77
C ASP A 107 15.34 11.59 -8.77
N LYS A 108 15.62 12.03 -10.00
CA LYS A 108 16.11 11.15 -11.04
C LYS A 108 17.34 10.37 -10.61
N LEU A 109 18.13 10.88 -9.67
CA LEU A 109 19.16 10.03 -9.08
C LEU A 109 18.53 8.90 -8.27
N ILE A 110 17.70 9.24 -7.29
CA ILE A 110 17.29 8.22 -6.34
C ILE A 110 16.42 7.17 -7.01
N GLN A 111 15.66 7.54 -8.04
CA GLN A 111 14.80 6.56 -8.68
C GLN A 111 15.62 5.40 -9.22
N GLU A 112 16.71 5.70 -9.90
CA GLU A 112 17.61 4.64 -10.34
C GLU A 112 18.29 4.01 -9.14
N ALA A 113 18.79 4.85 -8.23
CA ALA A 113 19.51 4.38 -7.05
C ALA A 113 18.69 3.37 -6.26
N VAL A 114 17.39 3.33 -6.49
CA VAL A 114 16.54 2.40 -5.77
C VAL A 114 15.89 1.39 -6.67
N ARG A 115 15.80 1.61 -7.98
CA ARG A 115 15.66 0.46 -8.85
C ARG A 115 16.78 -0.52 -8.55
N ILE A 116 17.94 0.01 -8.16
CA ILE A 116 19.02 -0.82 -7.63
C ILE A 116 18.51 -1.70 -6.51
N ILE A 117 17.99 -1.09 -5.46
CA ILE A 117 17.67 -1.88 -4.27
C ILE A 117 16.48 -2.79 -4.53
N LEU A 118 15.50 -2.31 -5.31
CA LEU A 118 14.39 -3.13 -5.79
C LEU A 118 14.94 -4.40 -6.39
N GLU A 119 15.71 -4.30 -7.48
CA GLU A 119 16.22 -5.51 -8.09
C GLU A 119 17.17 -6.25 -7.17
N SER A 120 17.73 -5.59 -6.17
CA SER A 120 18.68 -6.27 -5.29
C SER A 120 17.97 -7.27 -4.41
N ILE A 121 17.10 -6.80 -3.53
CA ILE A 121 16.53 -7.71 -2.54
C ILE A 121 15.34 -8.46 -3.11
N TYR A 122 14.50 -7.78 -3.89
CA TYR A 122 13.26 -8.39 -4.35
C TYR A 122 13.52 -9.65 -5.15
N GLU A 123 14.57 -9.64 -5.97
CA GLU A 123 14.77 -10.63 -7.03
C GLU A 123 14.61 -12.05 -6.53
N PRO A 124 15.33 -12.48 -5.48
CA PRO A 124 15.00 -13.79 -4.92
C PRO A 124 14.17 -13.75 -3.63
N VAL A 125 14.03 -12.59 -2.99
CA VAL A 125 13.57 -12.60 -1.62
C VAL A 125 12.38 -11.70 -1.33
N PHE A 126 12.57 -10.39 -1.49
CA PHE A 126 11.60 -9.43 -0.96
C PHE A 126 10.28 -9.57 -1.70
N GLU A 127 9.21 -9.82 -0.95
CA GLU A 127 7.91 -10.19 -1.50
C GLU A 127 6.97 -8.99 -1.52
N ASP A 128 6.24 -8.84 -2.63
CA ASP A 128 5.13 -7.90 -2.74
C ASP A 128 5.51 -6.49 -2.30
N VAL A 129 6.25 -5.83 -3.18
CA VAL A 129 6.43 -4.39 -3.12
C VAL A 129 5.11 -3.72 -2.79
N SER A 130 5.13 -2.80 -1.82
CA SER A 130 3.98 -1.97 -1.47
C SER A 130 2.77 -2.79 -0.99
N HIS A 131 2.96 -3.39 0.20
CA HIS A 131 1.93 -4.01 1.05
C HIS A 131 1.25 -5.28 0.54
N GLY A 132 2.04 -6.34 0.42
CA GLY A 132 1.53 -7.69 0.47
C GLY A 132 2.35 -8.49 1.47
N PHE A 133 2.10 -9.79 1.48
CA PHE A 133 2.96 -10.68 2.26
C PHE A 133 3.75 -11.64 1.38
N ARG A 134 3.08 -12.46 0.56
CA ARG A 134 3.63 -13.56 -0.21
C ARG A 134 4.29 -13.00 -1.47
N PRO A 135 5.24 -13.73 -2.11
CA PRO A 135 5.86 -13.17 -3.30
C PRO A 135 5.04 -13.45 -4.54
N GLN A 136 4.60 -12.37 -5.18
CA GLN A 136 3.97 -12.41 -6.50
C GLN A 136 4.12 -11.03 -7.11
N ARG A 137 3.68 -10.90 -8.35
CA ARG A 137 4.01 -9.72 -9.17
C ARG A 137 2.86 -8.74 -9.29
N SER A 138 2.10 -8.52 -8.22
CA SER A 138 0.97 -7.61 -8.27
C SER A 138 0.76 -6.98 -6.90
N CYS A 139 -0.02 -5.89 -6.90
CA CYS A 139 -0.18 -5.06 -5.72
C CYS A 139 -1.16 -5.65 -4.72
N HIS A 140 -2.40 -5.85 -5.15
CA HIS A 140 -3.53 -6.13 -4.27
C HIS A 140 -4.09 -7.54 -4.43
N THR A 141 -3.21 -8.54 -4.53
CA THR A 141 -3.62 -9.91 -4.80
C THR A 141 -3.52 -10.84 -3.60
N ALA A 142 -2.45 -10.76 -2.81
CA ALA A 142 -2.40 -11.57 -1.59
C ALA A 142 -3.54 -11.20 -0.66
N LEU A 143 -3.83 -9.93 -0.59
CA LEU A 143 -4.84 -9.31 0.24
C LEU A 143 -6.18 -9.54 -0.27
N LYS A 144 -6.28 -10.49 -1.20
CA LYS A 144 -7.52 -11.19 -1.47
C LYS A 144 -7.35 -12.69 -1.27
N THR A 145 -6.36 -13.28 -1.93
CA THR A 145 -6.32 -14.73 -2.04
C THR A 145 -5.90 -15.39 -0.75
N ILE A 146 -4.85 -14.88 -0.10
CA ILE A 146 -4.43 -15.48 1.16
C ILE A 146 -5.51 -15.31 2.20
N LYS A 147 -6.22 -14.18 2.15
CA LYS A 147 -7.39 -14.02 3.01
C LYS A 147 -8.35 -15.16 2.79
N ARG A 148 -8.77 -15.36 1.55
CA ARG A 148 -9.60 -16.50 1.20
C ARG A 148 -8.77 -17.69 0.71
N GLU A 149 -7.74 -18.04 1.48
CA GLU A 149 -6.97 -19.27 1.27
C GLU A 149 -7.10 -20.23 2.44
N PHE A 150 -6.79 -19.77 3.65
CA PHE A 150 -7.06 -20.50 4.88
C PHE A 150 -7.52 -19.49 5.92
N GLY A 151 -7.57 -19.92 7.18
CA GLY A 151 -8.16 -19.08 8.20
C GLY A 151 -9.30 -19.72 8.96
N GLY A 152 -9.28 -21.04 9.08
CA GLY A 152 -10.31 -21.73 9.83
C GLY A 152 -10.17 -21.48 11.32
N ALA A 153 -10.48 -20.27 11.76
CA ALA A 153 -10.32 -19.89 13.16
C ALA A 153 -11.03 -18.56 13.41
N ARG A 154 -11.09 -18.19 14.69
CA ARG A 154 -11.63 -16.94 15.18
C ARG A 154 -10.49 -16.00 15.55
N TRP A 155 -10.82 -14.90 16.24
CA TRP A 155 -9.85 -14.05 16.93
C TRP A 155 -8.83 -13.45 15.96
N PHE A 156 -9.29 -12.51 15.15
CA PHE A 156 -8.37 -11.72 14.37
C PHE A 156 -7.92 -10.49 15.17
N VAL A 157 -6.60 -10.28 15.22
CA VAL A 157 -5.95 -9.33 16.12
C VAL A 157 -5.51 -8.13 15.28
N GLU A 158 -6.18 -6.99 15.45
CA GLU A 158 -5.87 -5.83 14.63
C GLU A 158 -4.60 -5.13 15.13
N GLY A 159 -4.16 -4.13 14.36
CA GLY A 159 -2.98 -3.34 14.68
C GLY A 159 -3.14 -1.85 14.45
N ASP A 160 -2.66 -1.03 15.38
CA ASP A 160 -2.87 0.41 15.34
C ASP A 160 -1.58 1.22 15.18
N ILE A 161 -0.58 0.99 16.04
CA ILE A 161 0.60 1.86 16.03
C ILE A 161 1.41 1.60 14.77
N LYS A 162 1.97 2.68 14.22
CA LYS A 162 2.66 2.62 12.94
C LYS A 162 3.97 1.84 13.08
N GLY A 163 4.91 2.36 13.87
CA GLY A 163 6.18 1.69 14.05
C GLY A 163 7.04 1.60 12.82
N CYS A 164 6.49 1.89 11.65
CA CYS A 164 7.21 1.81 10.40
C CYS A 164 7.73 3.16 9.94
N PHE A 165 7.02 4.23 10.30
CA PHE A 165 7.36 5.57 9.84
C PHE A 165 7.59 6.55 10.98
N ASP A 166 6.71 6.60 11.97
CA ASP A 166 7.01 7.45 13.11
C ASP A 166 7.92 6.77 14.10
N ASN A 167 8.36 5.55 13.81
CA ASN A 167 9.49 4.92 14.48
C ASN A 167 10.34 4.27 13.39
N ILE A 168 11.27 5.04 12.86
CA ILE A 168 12.27 4.51 11.95
C ILE A 168 13.58 4.44 12.71
N ASP A 169 14.37 3.39 12.43
CA ASP A 169 15.53 3.10 13.27
C ASP A 169 16.65 4.08 13.05
N HIS A 170 17.12 4.19 11.81
CA HIS A 170 18.24 5.00 11.38
C HIS A 170 19.57 4.55 11.96
N VAL A 171 19.59 3.51 12.80
CA VAL A 171 20.86 2.98 13.24
C VAL A 171 20.91 1.50 12.87
N THR A 172 20.05 0.72 13.50
CA THR A 172 19.90 -0.63 13.00
C THR A 172 19.17 -0.63 11.65
N LEU A 173 18.65 0.52 11.22
CA LEU A 173 18.17 0.63 9.85
C LEU A 173 19.27 0.28 8.87
N ILE A 174 20.37 1.04 8.87
CA ILE A 174 21.50 0.64 8.03
C ILE A 174 22.03 -0.70 8.48
N GLY A 175 22.10 -0.92 9.80
CA GLY A 175 22.59 -2.20 10.31
C GLY A 175 21.92 -3.40 9.66
N LEU A 176 20.67 -3.24 9.24
CA LEU A 176 19.99 -4.29 8.51
C LEU A 176 20.14 -4.13 7.01
N ILE A 177 20.04 -2.91 6.51
CA ILE A 177 20.14 -2.67 5.07
C ILE A 177 21.39 -3.33 4.52
N ASN A 178 22.47 -3.27 5.28
CA ASN A 178 23.74 -3.85 4.86
C ASN A 178 23.90 -5.30 5.27
N LEU A 179 22.80 -6.03 5.44
CA LEU A 179 22.91 -7.45 5.73
C LEU A 179 22.79 -8.32 4.49
N LYS A 180 22.42 -7.75 3.35
CA LYS A 180 22.51 -8.49 2.08
C LYS A 180 22.99 -7.59 0.95
N ILE A 181 23.52 -6.41 1.23
CA ILE A 181 24.11 -5.58 0.19
C ILE A 181 25.60 -5.48 0.41
N LYS A 182 25.98 -4.82 1.51
CA LYS A 182 27.38 -4.57 1.78
C LYS A 182 27.97 -5.70 2.61
N ASP A 183 29.27 -5.90 2.46
CA ASP A 183 29.92 -7.10 2.95
C ASP A 183 30.69 -6.84 4.24
N MET A 184 31.43 -7.86 4.65
CA MET A 184 32.38 -7.71 5.73
C MET A 184 33.57 -6.84 5.33
N LYS A 185 34.09 -7.04 4.13
CA LYS A 185 35.34 -6.39 3.75
C LYS A 185 35.13 -5.61 2.46
N MET A 186 35.39 -4.31 2.53
CA MET A 186 35.37 -3.42 1.37
C MET A 186 33.97 -3.28 0.76
N SER A 187 33.07 -2.69 1.55
CA SER A 187 31.78 -2.27 1.01
C SER A 187 31.21 -1.19 1.91
N GLN A 188 31.26 0.07 1.46
CA GLN A 188 30.63 1.14 2.22
C GLN A 188 29.89 2.18 1.40
N LEU A 189 30.19 2.36 0.12
CA LEU A 189 29.94 3.62 -0.55
C LEU A 189 28.50 3.86 -0.95
N ILE A 190 27.55 3.89 -0.01
CA ILE A 190 26.19 4.17 -0.47
C ILE A 190 25.48 5.24 0.34
N TYR A 191 25.39 5.04 1.65
CA TYR A 191 24.30 5.60 2.43
C TYR A 191 24.64 6.94 3.08
N LYS A 192 25.79 7.52 2.73
CA LYS A 192 26.18 8.82 3.24
C LYS A 192 25.17 9.90 2.90
N PHE A 193 24.20 9.59 2.03
CA PHE A 193 23.03 10.44 1.85
C PHE A 193 21.74 9.72 2.17
N LEU A 194 21.73 8.39 2.12
CA LEU A 194 20.56 7.64 2.58
C LEU A 194 20.19 8.03 4.00
N LYS A 195 21.16 8.43 4.77
CA LYS A 195 20.87 8.83 6.15
C LYS A 195 20.31 10.20 6.26
N ALA A 196 19.76 10.86 5.25
CA ALA A 196 19.58 12.31 5.38
C ALA A 196 18.12 12.72 5.34
N GLY A 197 17.27 12.04 6.08
CA GLY A 197 15.91 12.52 6.25
C GLY A 197 15.85 13.63 7.29
N TYR A 198 16.62 14.69 7.08
CA TYR A 198 16.85 15.70 8.12
C TYR A 198 15.62 16.58 8.26
N LEU A 199 14.59 16.02 8.91
CA LEU A 199 13.32 16.73 9.05
C LEU A 199 13.50 17.96 9.91
N GLU A 200 12.73 19.00 9.61
CA GLU A 200 12.87 20.31 10.28
C GLU A 200 11.55 20.69 10.94
N ASN A 201 11.49 20.46 12.25
CA ASN A 201 10.34 20.77 13.09
C ASN A 201 10.82 21.38 14.41
N TRP A 202 11.76 22.31 14.32
CA TRP A 202 12.48 22.86 15.47
C TRP A 202 13.28 21.79 16.21
N GLN A 203 14.23 21.18 15.50
CA GLN A 203 15.19 20.24 16.08
C GLN A 203 16.29 20.02 15.04
N TYR A 204 17.19 19.08 15.31
CA TYR A 204 18.23 18.70 14.37
C TYR A 204 18.21 17.19 14.15
N HIS A 205 16.99 16.69 13.90
CA HIS A 205 16.73 15.27 13.72
C HIS A 205 17.33 14.75 12.42
N LYS A 206 17.59 13.45 12.39
CA LYS A 206 17.84 12.70 11.16
C LYS A 206 16.62 11.90 10.73
N THR A 207 15.72 11.58 11.66
CA THR A 207 14.49 10.88 11.38
C THR A 207 13.64 11.65 10.37
N TYR A 208 12.99 10.92 9.47
CA TYR A 208 12.10 11.53 8.48
C TYR A 208 10.66 11.12 8.73
N SER A 209 9.77 11.84 8.05
CA SER A 209 8.38 11.43 7.88
C SER A 209 7.98 11.65 6.43
N GLY A 210 8.84 11.18 5.52
CA GLY A 210 8.62 11.35 4.10
C GLY A 210 9.91 11.47 3.30
N THR A 211 11.04 11.62 3.98
CA THR A 211 12.41 11.60 3.43
C THR A 211 12.53 12.23 2.06
N PRO A 212 12.44 13.56 1.97
CA PRO A 212 12.66 14.26 0.70
C PRO A 212 13.86 13.80 -0.10
N GLN A 213 14.75 13.02 0.52
CA GLN A 213 15.74 12.28 -0.24
C GLN A 213 15.13 11.58 -1.44
N GLY A 214 13.85 11.21 -1.36
CA GLY A 214 13.14 10.62 -2.48
C GLY A 214 11.84 9.93 -2.09
N GLY A 215 10.90 9.82 -3.05
CA GLY A 215 9.62 9.21 -2.77
C GLY A 215 9.43 7.82 -3.32
N ILE A 216 10.16 7.49 -4.39
CA ILE A 216 10.08 6.15 -4.96
C ILE A 216 10.53 5.09 -3.95
N LEU A 217 11.53 5.42 -3.14
CA LEU A 217 12.14 4.38 -2.31
C LEU A 217 11.47 4.22 -0.95
N SER A 218 11.15 5.34 -0.29
CA SER A 218 10.63 5.28 1.07
C SER A 218 9.59 4.18 1.28
N PRO A 219 8.65 3.94 0.36
CA PRO A 219 7.93 2.68 0.41
C PRO A 219 8.85 1.49 0.59
N LEU A 220 9.81 1.27 -0.31
CA LEU A 220 10.54 0.01 -0.23
C LEU A 220 11.52 -0.02 0.93
N LEU A 221 12.04 1.13 1.33
CA LEU A 221 12.80 1.19 2.56
C LEU A 221 11.97 0.68 3.73
N ALA A 222 10.79 1.27 3.92
CA ALA A 222 9.87 0.81 4.95
C ALA A 222 9.59 -0.67 4.78
N ASN A 223 9.44 -1.09 3.54
CA ASN A 223 9.10 -2.48 3.27
C ASN A 223 10.22 -3.38 3.71
N ILE A 224 11.47 -2.96 3.56
CA ILE A 224 12.60 -3.74 4.08
C ILE A 224 12.57 -3.77 5.60
N TYR A 225 12.45 -2.57 6.18
CA TYR A 225 12.31 -2.34 7.61
C TYR A 225 11.42 -3.40 8.24
N LEU A 226 10.27 -3.65 7.64
CA LEU A 226 9.40 -4.68 8.16
C LEU A 226 9.72 -6.07 7.61
N HIS A 227 10.17 -6.15 6.36
CA HIS A 227 10.16 -7.40 5.63
C HIS A 227 11.25 -8.33 6.13
N GLU A 228 12.45 -7.81 6.36
CA GLU A 228 13.48 -8.71 6.83
C GLU A 228 13.08 -9.30 8.18
N LEU A 229 12.76 -8.44 9.14
CA LEU A 229 12.55 -8.93 10.48
C LEU A 229 11.21 -9.61 10.68
N ASP A 230 10.33 -9.57 9.68
CA ASP A 230 9.17 -10.43 9.78
C ASP A 230 9.57 -11.90 9.75
N LYS A 231 10.72 -12.23 9.17
CA LYS A 231 11.24 -13.59 9.26
C LYS A 231 11.62 -13.94 10.69
N PHE A 232 12.39 -13.07 11.35
CA PHE A 232 12.76 -13.28 12.74
C PHE A 232 11.52 -13.44 13.62
N VAL A 233 10.50 -12.62 13.39
CA VAL A 233 9.31 -12.71 14.23
C VAL A 233 8.43 -13.89 13.82
N LEU A 234 8.59 -14.39 12.60
CA LEU A 234 7.89 -15.60 12.18
C LEU A 234 8.58 -16.85 12.68
N GLN A 235 9.83 -16.73 13.12
CA GLN A 235 10.58 -17.90 13.54
C GLN A 235 9.89 -18.63 14.69
N LEU A 236 9.15 -17.92 15.54
CA LEU A 236 8.35 -18.59 16.57
C LEU A 236 6.98 -18.99 16.07
N LYS A 237 6.39 -18.24 15.15
CA LYS A 237 5.21 -18.74 14.45
C LYS A 237 5.50 -20.12 13.86
N MET A 238 6.76 -20.37 13.49
CA MET A 238 7.17 -21.64 12.88
C MET A 238 6.90 -22.84 13.78
N LYS A 239 6.67 -22.63 15.08
CA LYS A 239 6.18 -23.70 15.93
C LYS A 239 4.92 -23.29 16.68
N PHE A 240 4.39 -22.10 16.43
CA PHE A 240 3.24 -21.63 17.18
C PHE A 240 1.99 -22.46 16.91
N ASP A 241 1.73 -22.79 15.64
CA ASP A 241 0.48 -23.48 15.30
C ASP A 241 0.53 -24.98 15.54
N ARG A 242 0.92 -25.39 16.74
CA ARG A 242 0.87 -26.81 17.09
C ARG A 242 -0.57 -27.29 17.16
N GLU A 243 -1.42 -26.54 17.84
CA GLU A 243 -2.81 -26.93 18.05
C GLU A 243 -3.82 -25.87 17.71
N SER A 244 -3.41 -24.60 17.58
CA SER A 244 -4.35 -23.56 17.12
C SER A 244 -5.05 -23.94 15.82
N PRO A 245 -4.39 -24.53 14.81
CA PRO A 245 -5.17 -25.03 13.67
C PRO A 245 -6.03 -26.22 14.02
N GLU A 246 -5.66 -26.98 15.06
CA GLU A 246 -6.30 -28.25 15.34
C GLU A 246 -6.99 -28.31 16.69
N ARG A 247 -7.32 -27.16 17.29
CA ARG A 247 -8.14 -27.16 18.49
C ARG A 247 -9.60 -26.86 18.16
N ILE A 248 -9.84 -25.78 17.41
CA ILE A 248 -11.20 -25.46 17.00
C ILE A 248 -11.64 -26.38 15.87
N THR A 249 -10.73 -27.19 15.34
CA THR A 249 -10.97 -28.01 14.14
C THR A 249 -12.14 -29.00 14.27
N PRO A 250 -12.17 -29.87 15.27
CA PRO A 250 -13.07 -31.03 15.19
C PRO A 250 -14.54 -30.64 15.10
N GLU A 251 -15.27 -31.38 14.27
CA GLU A 251 -16.69 -31.12 14.08
C GLU A 251 -17.54 -32.05 14.95
N LYS A 302 1.83 -18.65 6.25
CA LYS A 302 0.61 -17.93 5.92
C LYS A 302 0.34 -16.87 6.98
N TYR A 303 1.26 -15.92 7.14
CA TYR A 303 1.07 -14.82 8.06
C TYR A 303 0.11 -13.81 7.42
N VAL A 304 -0.05 -12.65 8.03
CA VAL A 304 -0.83 -11.56 7.47
C VAL A 304 0.06 -10.32 7.55
N ARG A 305 0.85 -10.08 6.50
CA ARG A 305 1.80 -8.99 6.48
C ARG A 305 1.35 -7.95 5.47
N TYR A 306 1.01 -6.77 5.96
CA TYR A 306 0.74 -5.63 5.13
C TYR A 306 1.90 -4.66 5.27
N ALA A 307 1.76 -3.50 4.64
CA ALA A 307 2.62 -2.38 5.01
C ALA A 307 2.52 -2.11 6.49
N ASP A 308 1.29 -1.94 6.97
CA ASP A 308 1.06 -1.40 8.30
C ASP A 308 0.31 -2.37 9.21
N ASP A 309 -0.87 -2.80 8.82
CA ASP A 309 -1.77 -3.49 9.74
C ASP A 309 -1.54 -5.00 9.70
N PHE A 310 -1.98 -5.66 10.76
CA PHE A 310 -1.70 -7.07 10.99
C PHE A 310 -2.92 -7.79 11.53
N ILE A 311 -2.94 -9.11 11.36
CA ILE A 311 -3.63 -10.04 12.25
C ILE A 311 -2.82 -11.32 12.31
N ILE A 312 -2.82 -11.96 13.47
CA ILE A 312 -2.26 -13.28 13.56
C ILE A 312 -2.98 -14.22 12.63
N SER A 313 -2.21 -15.09 11.98
CA SER A 313 -2.73 -16.04 11.01
C SER A 313 -3.76 -16.99 11.59
N VAL A 314 -3.33 -17.89 12.48
CA VAL A 314 -4.11 -19.06 12.85
C VAL A 314 -4.40 -19.01 14.34
N LYS A 315 -5.64 -19.38 14.72
CA LYS A 315 -6.12 -19.27 16.09
C LYS A 315 -6.76 -20.57 16.56
N GLY A 316 -6.45 -20.97 17.78
CA GLY A 316 -7.23 -22.01 18.43
C GLY A 316 -7.82 -21.61 19.77
N SER A 317 -7.13 -20.75 20.51
CA SER A 317 -7.60 -20.41 21.85
C SER A 317 -7.09 -19.04 22.21
N LYS A 318 -7.79 -18.39 23.14
CA LYS A 318 -7.27 -17.16 23.72
C LYS A 318 -6.03 -17.44 24.54
N GLU A 319 -5.89 -18.65 25.07
CA GLU A 319 -4.64 -19.08 25.65
C GLU A 319 -3.61 -19.34 24.55
N ASP A 320 -4.08 -19.86 23.41
CA ASP A 320 -3.24 -19.93 22.22
C ASP A 320 -3.01 -18.55 21.62
N CYS A 321 -3.70 -17.53 22.15
CA CYS A 321 -3.52 -16.17 21.67
C CYS A 321 -2.62 -15.35 22.59
N GLN A 322 -2.51 -15.74 23.85
CA GLN A 322 -1.58 -15.05 24.74
C GLN A 322 -0.15 -15.08 24.20
N TRP A 323 0.22 -16.14 23.49
CA TRP A 323 1.55 -16.22 22.93
C TRP A 323 1.80 -15.07 21.96
N ILE A 324 0.84 -14.83 21.07
CA ILE A 324 0.85 -13.60 20.30
C ILE A 324 1.02 -12.43 21.24
N LYS A 325 0.07 -12.32 22.18
CA LYS A 325 -0.03 -11.16 23.06
C LYS A 325 1.29 -10.81 23.71
N GLU A 326 2.17 -11.80 23.85
CA GLU A 326 3.42 -11.59 24.58
C GLU A 326 4.62 -11.48 23.64
N GLN A 327 4.83 -12.47 22.77
CA GLN A 327 6.01 -12.45 21.92
C GLN A 327 5.95 -11.32 20.91
N LEU A 328 4.83 -11.22 20.18
CA LEU A 328 4.77 -10.18 19.15
C LEU A 328 4.88 -8.79 19.75
N LYS A 329 4.80 -8.69 21.07
CA LYS A 329 5.12 -7.46 21.77
C LYS A 329 6.59 -7.40 22.15
N LEU A 330 7.18 -8.55 22.45
CA LEU A 330 8.60 -8.60 22.81
C LEU A 330 9.48 -8.19 21.63
N PHE A 331 9.41 -8.93 20.52
CA PHE A 331 10.26 -8.63 19.38
C PHE A 331 10.10 -7.18 18.92
N ILE A 332 8.87 -6.76 18.61
CA ILE A 332 8.64 -5.40 18.15
C ILE A 332 9.25 -4.39 19.11
N HIS A 333 9.12 -4.64 20.41
CA HIS A 333 9.82 -3.83 21.41
C HIS A 333 11.33 -3.91 21.22
N ASN A 334 11.87 -5.12 21.22
CA ASN A 334 13.32 -5.31 21.16
C ASN A 334 13.89 -4.75 19.86
N LYS A 335 13.52 -5.37 18.73
CA LYS A 335 14.14 -5.03 17.46
C LYS A 335 13.66 -3.68 16.93
N LEU A 336 12.36 -3.56 16.69
CA LEU A 336 11.82 -2.42 15.96
C LEU A 336 12.08 -1.10 16.65
N LYS A 337 12.20 -1.09 17.98
CA LYS A 337 12.27 0.13 18.76
C LYS A 337 10.96 0.91 18.66
N MET A 338 9.87 0.21 18.37
CA MET A 338 8.53 0.71 18.59
C MET A 338 7.74 -0.36 19.34
N GLU A 339 6.69 0.07 20.03
CA GLU A 339 5.85 -0.83 20.79
C GLU A 339 4.40 -0.60 20.43
N LEU A 340 3.58 -1.64 20.59
CA LEU A 340 2.22 -1.68 20.07
C LEU A 340 1.25 -1.01 21.04
N SER A 341 -0.05 -1.15 20.78
CA SER A 341 -1.08 -0.40 21.48
C SER A 341 -2.17 -1.29 22.07
N GLU A 342 -2.91 -0.71 23.00
CA GLU A 342 -4.03 -1.31 23.74
C GLU A 342 -3.81 -2.80 24.00
N GLU A 343 -2.63 -3.13 24.52
CA GLU A 343 -2.32 -4.49 24.96
C GLU A 343 -2.59 -5.49 23.84
N LYS A 344 -1.76 -5.37 22.82
CA LYS A 344 -1.58 -6.29 21.70
C LYS A 344 -2.68 -6.26 20.64
N THR A 345 -3.94 -6.07 21.04
CA THR A 345 -4.90 -5.08 20.57
C THR A 345 -6.28 -5.72 20.78
N LEU A 346 -7.33 -4.94 20.97
CA LEU A 346 -8.61 -5.16 20.30
C LEU A 346 -8.87 -6.59 19.81
N ILE A 347 -8.65 -7.61 20.63
CA ILE A 347 -8.75 -8.98 20.15
C ILE A 347 -10.23 -9.41 20.13
N THR A 348 -10.79 -9.52 18.92
CA THR A 348 -12.19 -9.90 18.79
C THR A 348 -12.40 -11.34 19.22
N HIS A 349 -13.45 -11.57 20.00
CA HIS A 349 -13.80 -12.91 20.45
C HIS A 349 -14.05 -13.81 19.25
N SER A 350 -15.10 -13.53 18.50
CA SER A 350 -15.33 -14.21 17.23
C SER A 350 -15.25 -13.26 16.06
N SER A 351 -16.08 -12.23 16.03
CA SER A 351 -16.14 -11.32 14.91
C SER A 351 -16.58 -9.96 15.41
N GLN A 352 -16.60 -9.01 14.49
CA GLN A 352 -17.19 -7.69 14.64
C GLN A 352 -17.36 -7.10 13.26
N PRO A 353 -18.17 -6.05 13.13
CA PRO A 353 -18.10 -5.18 11.96
C PRO A 353 -16.99 -4.13 12.08
N ALA A 354 -15.79 -4.58 12.39
CA ALA A 354 -14.66 -3.70 12.71
C ALA A 354 -13.54 -3.90 11.69
N ARG A 355 -12.90 -2.79 11.35
CA ARG A 355 -12.09 -2.69 10.15
C ARG A 355 -10.84 -3.57 10.21
N PHE A 356 -10.28 -3.79 9.03
CA PHE A 356 -8.96 -4.38 8.81
C PHE A 356 -8.58 -4.04 7.38
N LEU A 357 -7.50 -3.30 7.19
CA LEU A 357 -6.98 -2.89 5.89
C LEU A 357 -8.08 -2.46 4.92
N GLY A 358 -9.20 -1.98 5.47
CA GLY A 358 -10.39 -1.69 4.69
C GLY A 358 -11.37 -2.85 4.52
N TYR A 359 -10.98 -4.07 4.90
CA TYR A 359 -11.79 -5.28 4.74
C TYR A 359 -12.09 -5.89 6.09
N ASP A 360 -13.38 -6.02 6.41
CA ASP A 360 -13.77 -6.81 7.58
C ASP A 360 -13.51 -8.29 7.31
N ILE A 361 -13.58 -9.09 8.37
CA ILE A 361 -13.61 -10.55 8.25
C ILE A 361 -14.49 -11.16 9.33
N ARG A 362 -15.62 -11.77 8.93
CA ARG A 362 -16.50 -12.43 9.89
C ARG A 362 -15.93 -13.80 10.21
N VAL A 363 -15.42 -13.96 11.43
CA VAL A 363 -14.97 -15.26 11.92
C VAL A 363 -15.46 -15.43 13.34
N VAL A 375 -30.17 -3.42 4.21
CA VAL A 375 -30.04 -2.72 5.47
C VAL A 375 -28.63 -2.94 6.00
N LYS A 376 -27.68 -2.99 5.07
CA LYS A 376 -26.26 -3.11 5.38
C LYS A 376 -25.98 -4.38 6.17
N LYS A 377 -26.76 -5.43 5.92
CA LYS A 377 -26.61 -6.70 6.62
C LYS A 377 -26.77 -7.83 5.60
N ARG A 378 -25.65 -8.24 5.00
CA ARG A 378 -25.67 -9.41 4.12
C ARG A 378 -24.42 -10.27 4.31
N THR A 379 -23.86 -10.29 5.51
CA THR A 379 -22.68 -11.10 5.76
C THR A 379 -23.02 -12.58 5.76
N LEU A 380 -21.96 -13.40 5.69
CA LEU A 380 -22.08 -14.83 5.89
C LEU A 380 -20.84 -15.34 6.61
N ASN A 381 -20.95 -16.57 7.10
CA ASN A 381 -19.84 -17.42 7.53
C ASN A 381 -20.42 -18.79 7.82
N GLY A 382 -19.59 -19.69 8.32
CA GLY A 382 -20.03 -21.04 8.64
C GLY A 382 -18.85 -21.87 9.09
N SER A 383 -18.72 -23.08 8.55
CA SER A 383 -17.48 -23.81 8.76
C SER A 383 -16.30 -23.07 8.18
N VAL A 384 -16.53 -22.30 7.12
CA VAL A 384 -15.47 -21.59 6.42
C VAL A 384 -15.68 -20.10 6.56
N GLU A 385 -14.58 -19.37 6.61
CA GLU A 385 -14.57 -17.93 6.78
C GLU A 385 -14.53 -17.23 5.43
N LEU A 386 -14.64 -15.91 5.47
CA LEU A 386 -14.80 -15.15 4.23
C LEU A 386 -14.61 -13.67 4.53
N LEU A 387 -14.91 -12.84 3.52
CA LEU A 387 -14.64 -11.41 3.49
C LEU A 387 -15.94 -10.64 3.27
N ILE A 388 -15.97 -9.38 3.74
CA ILE A 388 -17.19 -8.58 3.74
C ILE A 388 -16.89 -7.09 3.59
N PRO A 389 -17.53 -6.39 2.66
CA PRO A 389 -17.37 -4.94 2.62
C PRO A 389 -18.10 -4.26 3.75
N LEU A 390 -17.36 -3.78 4.74
CA LEU A 390 -17.98 -3.27 5.94
C LEU A 390 -18.51 -1.86 5.72
N GLN A 391 -18.81 -1.19 6.83
CA GLN A 391 -19.55 0.05 6.90
C GLN A 391 -18.65 1.27 6.94
N ASP A 392 -17.69 1.28 7.88
CA ASP A 392 -17.00 2.50 8.31
C ASP A 392 -16.63 3.43 7.18
N LYS A 393 -15.83 2.96 6.23
CA LYS A 393 -15.43 3.82 5.13
C LYS A 393 -16.63 4.30 4.33
N ILE A 394 -17.62 3.44 4.14
CA ILE A 394 -18.81 3.86 3.42
C ILE A 394 -19.80 4.38 4.45
N ARG A 395 -19.27 4.71 5.62
CA ARG A 395 -19.84 5.76 6.45
C ARG A 395 -18.94 6.99 6.49
N GLN A 396 -17.70 6.90 6.03
CA GLN A 396 -16.78 8.02 6.15
C GLN A 396 -16.76 8.90 4.91
N PHE A 397 -16.32 8.35 3.78
CA PHE A 397 -16.38 9.12 2.55
C PHE A 397 -17.76 9.05 1.92
N ILE A 398 -18.61 8.14 2.39
CA ILE A 398 -20.01 8.20 1.98
C ILE A 398 -20.61 9.51 2.43
N PHE A 399 -20.03 10.14 3.45
CA PHE A 399 -20.55 11.35 4.04
C PHE A 399 -19.68 12.56 3.80
N ASP A 400 -18.36 12.38 3.69
CA ASP A 400 -17.50 13.51 3.40
C ASP A 400 -17.53 13.85 1.92
N LYS A 401 -17.60 12.86 1.06
CA LYS A 401 -17.78 13.16 -0.35
C LYS A 401 -19.15 13.57 -0.67
N LYS A 402 -19.95 13.90 0.35
CA LYS A 402 -21.25 14.52 0.16
C LYS A 402 -22.18 13.67 -0.69
N ILE A 403 -22.01 12.35 -0.62
CA ILE A 403 -23.00 11.47 -1.22
C ILE A 403 -24.31 11.57 -0.45
N ALA A 404 -24.29 11.16 0.80
CA ALA A 404 -25.49 10.93 1.59
C ALA A 404 -25.76 12.07 2.55
N ILE A 405 -26.98 12.11 3.07
CA ILE A 405 -27.26 12.76 4.34
C ILE A 405 -28.09 11.80 5.17
N GLN A 406 -27.75 11.66 6.45
CA GLN A 406 -28.56 10.85 7.36
C GLN A 406 -29.53 11.76 8.08
N LYS A 407 -29.31 13.07 8.00
CA LYS A 407 -30.15 14.03 8.70
C LYS A 407 -31.55 14.12 8.13
N LYS A 408 -31.87 13.25 7.18
CA LYS A 408 -33.23 12.76 6.97
C LYS A 408 -33.16 11.27 7.20
N ASP A 409 -34.07 10.73 8.00
CA ASP A 409 -34.07 9.30 8.27
C ASP A 409 -34.51 8.58 6.99
N SER A 410 -34.79 7.27 7.04
CA SER A 410 -34.78 6.47 5.82
C SER A 410 -33.37 6.57 5.29
N SER A 411 -32.48 5.81 5.93
CA SER A 411 -31.16 6.21 6.44
C SER A 411 -30.52 7.25 5.52
N TRP A 412 -30.21 6.94 4.27
CA TRP A 412 -29.45 7.90 3.50
C TRP A 412 -30.16 8.21 2.20
N PHE A 413 -29.52 9.03 1.39
CA PHE A 413 -30.22 9.82 0.39
C PHE A 413 -29.22 10.46 -0.55
N PRO A 414 -29.55 10.55 -1.82
CA PRO A 414 -28.59 11.00 -2.83
C PRO A 414 -28.42 12.50 -3.01
N VAL A 415 -28.74 13.33 -2.01
CA VAL A 415 -29.27 14.67 -2.23
C VAL A 415 -28.66 15.45 -3.40
N HIS A 416 -27.35 15.69 -3.39
CA HIS A 416 -26.61 16.19 -4.56
C HIS A 416 -25.16 16.42 -4.13
N ARG A 417 -24.35 16.83 -5.10
CA ARG A 417 -22.98 17.19 -4.81
C ARG A 417 -22.92 18.50 -4.02
N LYS A 418 -21.75 18.75 -3.44
CA LYS A 418 -21.59 19.90 -2.54
C LYS A 418 -21.76 21.21 -3.27
N TYR A 419 -21.26 21.29 -4.50
CA TYR A 419 -21.16 22.56 -5.20
C TYR A 419 -22.52 23.07 -5.61
N LEU A 420 -22.76 24.36 -5.38
CA LEU A 420 -23.89 25.04 -6.00
C LEU A 420 -23.54 25.43 -7.43
N ILE A 421 -22.44 26.14 -7.60
CA ILE A 421 -21.82 26.36 -8.90
C ILE A 421 -20.82 25.24 -9.14
N ARG A 422 -20.96 24.56 -10.27
CA ARG A 422 -20.16 23.38 -10.55
C ARG A 422 -19.47 23.54 -11.90
N SER A 423 -18.55 22.64 -12.18
CA SER A 423 -17.75 22.65 -13.40
C SER A 423 -18.60 22.17 -14.56
N THR A 424 -17.97 21.88 -15.70
CA THR A 424 -18.70 21.41 -16.86
C THR A 424 -19.30 20.02 -16.62
N ASP A 425 -20.08 19.56 -17.59
CA ASP A 425 -20.97 18.42 -17.38
C ASP A 425 -20.32 17.10 -17.72
N LEU A 426 -19.60 17.03 -18.84
CA LEU A 426 -18.73 15.87 -19.05
C LEU A 426 -17.74 15.76 -17.89
N GLU A 427 -17.23 16.89 -17.40
CA GLU A 427 -16.39 16.87 -16.21
C GLU A 427 -17.12 16.23 -15.05
N ILE A 428 -18.36 16.66 -14.80
CA ILE A 428 -19.14 16.13 -13.68
C ILE A 428 -19.25 14.62 -13.81
N ILE A 429 -19.80 14.17 -14.93
CA ILE A 429 -20.05 12.75 -15.07
C ILE A 429 -18.75 11.97 -14.98
N THR A 430 -17.67 12.52 -15.52
CA THR A 430 -16.42 11.75 -15.56
C THR A 430 -15.79 11.62 -14.19
N ILE A 431 -15.77 12.70 -13.41
CA ILE A 431 -15.18 12.60 -12.08
C ILE A 431 -16.06 11.75 -11.17
N TYR A 432 -17.38 11.92 -11.26
CA TYR A 432 -18.28 10.98 -10.61
C TYR A 432 -17.97 9.54 -10.98
N ASN A 433 -17.74 9.29 -12.26
CA ASN A 433 -17.56 7.92 -12.69
C ASN A 433 -16.26 7.36 -12.13
N SER A 434 -15.19 8.15 -12.16
CA SER A 434 -13.93 7.69 -11.58
C SER A 434 -14.07 7.46 -10.08
N GLU A 435 -14.81 8.33 -9.41
CA GLU A 435 -15.12 8.10 -8.00
C GLU A 435 -15.72 6.72 -7.80
N LEU A 436 -16.80 6.43 -8.53
CA LEU A 436 -17.39 5.09 -8.47
C LEU A 436 -16.36 4.02 -8.74
N ARG A 437 -15.75 4.06 -9.93
CA ARG A 437 -14.74 3.10 -10.30
C ARG A 437 -13.72 2.88 -9.19
N GLY A 438 -13.58 3.85 -8.29
CA GLY A 438 -12.91 3.63 -7.03
C GLY A 438 -13.34 2.35 -6.34
N ILE A 439 -14.57 1.92 -6.60
CA ILE A 439 -15.01 0.62 -6.11
C ILE A 439 -14.23 -0.51 -6.78
N CYS A 440 -13.85 -0.31 -8.06
CA CYS A 440 -13.52 -1.43 -8.95
C CYS A 440 -12.45 -2.36 -8.40
N ASN A 441 -11.46 -1.83 -7.67
CA ASN A 441 -10.42 -2.65 -7.05
C ASN A 441 -10.67 -2.82 -5.56
N TYR A 442 -10.70 -1.70 -4.83
CA TYR A 442 -10.89 -1.74 -3.39
C TYR A 442 -12.02 -2.69 -3.01
N TYR A 443 -13.21 -2.39 -3.50
CA TYR A 443 -14.36 -3.21 -3.18
C TYR A 443 -14.49 -4.32 -4.22
N GLY A 444 -13.44 -5.11 -4.27
CA GLY A 444 -13.36 -6.22 -5.19
C GLY A 444 -14.06 -7.37 -4.51
N LEU A 445 -13.35 -8.46 -4.23
CA LEU A 445 -13.99 -9.64 -3.68
C LEU A 445 -14.84 -9.24 -2.48
N ALA A 446 -16.16 -9.34 -2.61
CA ALA A 446 -17.03 -8.75 -1.61
C ALA A 446 -18.45 -9.31 -1.67
N SER A 447 -19.05 -9.46 -0.51
CA SER A 447 -20.48 -9.70 -0.40
C SER A 447 -21.20 -8.37 -0.50
N ASN A 448 -22.48 -8.36 -0.15
CA ASN A 448 -23.18 -7.13 0.24
C ASN A 448 -23.43 -6.21 -0.95
N PHE A 449 -23.86 -6.77 -2.08
CA PHE A 449 -24.32 -5.97 -3.20
C PHE A 449 -25.24 -4.86 -2.71
N ASN A 450 -26.39 -5.25 -2.14
CA ASN A 450 -27.45 -4.28 -1.86
C ASN A 450 -26.96 -3.11 -1.03
N GLN A 451 -26.05 -3.34 -0.09
CA GLN A 451 -25.38 -2.21 0.52
C GLN A 451 -24.79 -1.33 -0.57
N LEU A 452 -23.90 -1.91 -1.37
CA LEU A 452 -23.29 -1.14 -2.43
C LEU A 452 -24.34 -0.60 -3.37
N ASN A 453 -25.50 -1.22 -3.44
CA ASN A 453 -26.52 -0.72 -4.35
C ASN A 453 -27.23 0.49 -3.80
N TYR A 454 -27.44 0.54 -2.49
CA TYR A 454 -27.78 1.79 -1.85
C TYR A 454 -26.74 2.84 -2.19
N PHE A 455 -25.48 2.49 -1.99
CA PHE A 455 -24.37 3.36 -2.38
C PHE A 455 -24.56 3.88 -3.79
N ALA A 456 -24.79 2.95 -4.72
CA ALA A 456 -24.79 3.27 -6.13
C ALA A 456 -25.97 4.13 -6.50
N TYR A 457 -27.14 3.83 -5.94
CA TYR A 457 -28.31 4.67 -6.14
C TYR A 457 -28.02 6.09 -5.67
N LEU A 458 -27.50 6.23 -4.46
CA LEU A 458 -27.19 7.56 -3.97
C LEU A 458 -26.21 8.25 -4.89
N MET A 459 -25.22 7.50 -5.38
CA MET A 459 -24.20 8.08 -6.25
C MET A 459 -24.79 8.53 -7.58
N GLU A 460 -25.55 7.65 -8.23
CA GLU A 460 -26.13 7.95 -9.53
C GLU A 460 -27.12 9.08 -9.43
N TYR A 461 -28.05 9.00 -8.50
CA TYR A 461 -28.99 10.08 -8.34
C TYR A 461 -28.28 11.35 -7.91
N SER A 462 -27.10 11.23 -7.31
CA SER A 462 -26.31 12.42 -7.03
C SER A 462 -25.77 13.03 -8.31
N CYS A 463 -25.22 12.19 -9.19
CA CYS A 463 -24.69 12.74 -10.43
C CYS A 463 -25.79 13.33 -11.29
N LEU A 464 -26.96 12.69 -11.30
CA LEU A 464 -28.06 13.20 -12.08
C LEU A 464 -28.64 14.46 -11.47
N LYS A 465 -28.74 14.50 -10.13
CA LYS A 465 -29.16 15.73 -9.48
C LYS A 465 -28.14 16.82 -9.70
N THR A 466 -26.88 16.43 -9.89
CA THR A 466 -25.82 17.41 -10.12
C THR A 466 -25.99 18.06 -11.48
N ILE A 467 -25.96 17.25 -12.54
CA ILE A 467 -26.20 17.75 -13.89
C ILE A 467 -27.56 18.41 -13.99
N ALA A 468 -28.47 18.10 -13.07
CA ALA A 468 -29.73 18.82 -12.99
C ALA A 468 -29.51 20.24 -12.49
N SER A 469 -28.97 20.36 -11.28
CA SER A 469 -28.80 21.65 -10.64
C SER A 469 -27.74 22.48 -11.36
N LYS A 470 -27.16 21.93 -12.42
CA LYS A 470 -26.37 22.79 -13.31
C LYS A 470 -27.24 23.40 -14.41
N HIS A 471 -28.01 22.57 -15.12
CA HIS A 471 -28.98 23.09 -16.09
C HIS A 471 -29.98 24.01 -15.39
N LYS A 472 -30.56 23.55 -14.29
CA LYS A 472 -31.39 24.38 -13.41
C LYS A 472 -32.60 24.94 -14.16
N GLY A 473 -33.51 24.04 -14.50
CA GLY A 473 -34.77 24.46 -15.07
C GLY A 473 -35.90 24.44 -14.07
N THR A 474 -36.74 23.41 -14.15
CA THR A 474 -37.85 23.20 -13.21
C THR A 474 -37.53 21.93 -12.40
N LEU A 475 -36.78 22.10 -11.31
CA LEU A 475 -36.21 20.99 -10.54
C LEU A 475 -35.63 19.95 -11.49
N SER A 476 -34.54 20.37 -12.14
CA SER A 476 -34.08 19.73 -13.37
C SER A 476 -33.77 18.25 -13.19
N LYS A 477 -34.01 17.72 -11.99
CA LYS A 477 -33.85 16.28 -11.79
C LYS A 477 -34.69 15.47 -12.76
N THR A 478 -35.91 15.93 -13.05
CA THR A 478 -36.77 15.16 -13.94
C THR A 478 -36.32 15.26 -15.39
N ILE A 479 -36.07 16.48 -15.86
CA ILE A 479 -35.65 16.64 -17.24
C ILE A 479 -34.29 16.03 -17.46
N SER A 480 -33.48 15.90 -16.41
CA SER A 480 -32.19 15.23 -16.55
C SER A 480 -32.32 13.72 -16.44
N MET A 481 -33.31 13.25 -15.69
CA MET A 481 -33.72 11.86 -15.79
C MET A 481 -34.11 11.54 -17.23
N PHE A 482 -34.59 12.54 -17.96
CA PHE A 482 -35.14 12.29 -19.28
C PHE A 482 -34.23 12.66 -20.45
N LYS A 483 -33.22 13.51 -20.25
CA LYS A 483 -32.57 14.17 -21.36
C LYS A 483 -31.24 13.55 -21.77
N ASP A 484 -30.55 12.88 -20.85
CA ASP A 484 -29.34 12.12 -21.19
C ASP A 484 -29.21 10.97 -20.19
N GLY A 485 -28.01 10.43 -20.07
CA GLY A 485 -27.74 9.46 -19.03
C GLY A 485 -27.69 8.02 -19.50
N SER A 486 -28.72 7.25 -19.16
CA SER A 486 -28.73 5.84 -19.54
C SER A 486 -30.10 5.33 -19.94
N GLY A 487 -31.09 6.20 -20.12
CA GLY A 487 -32.34 5.75 -20.67
C GLY A 487 -32.88 6.76 -21.66
N SER A 488 -32.23 7.91 -21.73
CA SER A 488 -32.62 8.94 -22.68
C SER A 488 -32.08 8.64 -24.06
N TRP A 489 -31.18 7.67 -24.16
CA TRP A 489 -30.68 7.15 -25.43
C TRP A 489 -30.20 8.29 -26.33
N GLY A 490 -29.15 8.99 -25.91
CA GLY A 490 -28.58 10.02 -26.82
C GLY A 490 -28.00 9.35 -28.07
N ILE A 520 -21.07 15.55 -26.43
CA ILE A 520 -21.53 14.23 -26.84
C ILE A 520 -22.72 13.83 -25.98
N SER A 521 -22.86 14.49 -24.84
CA SER A 521 -23.97 14.33 -23.90
C SER A 521 -24.39 12.87 -23.78
N GLN A 522 -23.41 12.01 -23.52
CA GLN A 522 -23.67 10.58 -23.45
C GLN A 522 -22.50 9.88 -22.80
N ALA A 523 -22.79 9.01 -21.83
CA ALA A 523 -21.80 8.16 -21.21
C ALA A 523 -22.49 6.93 -20.66
N PRO A 524 -22.68 5.87 -21.48
CA PRO A 524 -23.41 4.68 -21.04
C PRO A 524 -22.48 3.62 -20.42
N VAL A 525 -21.79 3.99 -19.35
CA VAL A 525 -20.87 3.10 -18.67
C VAL A 525 -21.13 3.14 -17.17
N LEU A 526 -21.95 4.11 -16.76
CA LEU A 526 -22.06 4.52 -15.36
C LEU A 526 -22.19 3.34 -14.41
N TYR A 527 -23.24 2.56 -14.55
CA TYR A 527 -23.71 1.70 -13.46
C TYR A 527 -23.84 0.24 -13.82
N GLY A 528 -24.18 -0.10 -15.07
CA GLY A 528 -24.09 -1.50 -15.47
C GLY A 528 -22.68 -2.02 -15.33
N TYR A 529 -21.73 -1.31 -15.93
CA TYR A 529 -20.31 -1.55 -15.65
C TYR A 529 -19.99 -1.48 -14.16
N ALA A 530 -20.78 -0.74 -13.39
CA ALA A 530 -20.54 -0.69 -11.95
C ALA A 530 -20.86 -2.03 -11.29
N ARG A 531 -22.04 -2.58 -11.57
CA ARG A 531 -22.30 -3.92 -11.09
C ARG A 531 -21.48 -4.97 -11.81
N ASN A 532 -20.87 -4.63 -12.95
CA ASN A 532 -19.89 -5.52 -13.57
C ASN A 532 -18.62 -5.61 -12.71
N THR A 533 -18.05 -4.45 -12.39
CA THR A 533 -16.95 -4.39 -11.44
C THR A 533 -17.34 -5.05 -10.13
N LEU A 534 -18.60 -4.95 -9.74
CA LEU A 534 -19.05 -5.71 -8.60
C LEU A 534 -18.90 -7.19 -8.88
N GLU A 535 -19.71 -7.74 -9.78
CA GLU A 535 -19.78 -9.18 -9.99
C GLU A 535 -18.40 -9.81 -10.14
N ASN A 536 -17.54 -9.22 -10.96
CA ASN A 536 -16.22 -9.79 -11.14
C ASN A 536 -15.20 -9.07 -10.25
N ARG A 537 -14.02 -9.67 -10.13
CA ARG A 537 -13.02 -9.30 -9.14
C ARG A 537 -13.58 -9.55 -7.74
N LEU A 538 -14.77 -10.10 -7.70
CA LEU A 538 -15.61 -10.46 -6.56
C LEU A 538 -15.98 -11.93 -6.56
N LYS A 539 -16.49 -12.45 -7.67
CA LYS A 539 -16.60 -13.88 -7.84
C LYS A 539 -15.51 -14.43 -8.74
N ALA A 540 -14.58 -13.58 -9.17
CA ALA A 540 -13.47 -13.99 -10.01
C ALA A 540 -12.46 -12.85 -10.09
#